data_3CIV
#
_entry.id   3CIV
#
_cell.length_a   44.338
_cell.length_b   75.554
_cell.length_c   88.016
_cell.angle_alpha   90.00
_cell.angle_beta   90.00
_cell.angle_gamma   90.00
#
_symmetry.space_group_name_H-M   'P 21 21 21'
#
loop_
_entity.id
_entity.type
_entity.pdbx_description
1 polymer Endo-beta-1,4-mannanase
2 water water
#
_entity_poly.entity_id   1
_entity_poly.type   'polypeptide(L)'
_entity_poly.pdbx_seq_one_letter_code
;MGSSHHHHHHSSGLVPRGSHMASMGRIESAFDLGFIRGMTFGFVGQHGTWGTDEARASMRALAEQPFNWVTLAFAGLMEH
PGDPAIAYGPPVTVSDDEIASMAELAHALGLKVCLKPTVNCRDGTWRGEIRFEKEHGPDLESWEAWFGSYSDMMAHYAHV
AKRTGCEMFCVGCEMTTAEPHEAMWRETIARVRTEYDGLVTYNCNHGREEHVRFWDAVDLISSSAYYPIDRWRDRVPVLR
EVAEAHEKPLFFMEVGCPSRSGSGACPWDYRHPGAVCLDEQARFYEAMFAAMPDEPWFKGYMLWEWPWKLYPREAASEDG
SYCIYGKPAEDVVARAFSAIANR
;
_entity_poly.pdbx_strand_id   A
#
# COMPACT_ATOMS: atom_id res chain seq x y z
N GLU A 28 -13.43 -14.21 4.93
CA GLU A 28 -12.90 -15.12 5.98
C GLU A 28 -11.99 -14.40 6.98
N SER A 29 -11.63 -15.10 8.05
CA SER A 29 -10.77 -14.56 9.11
C SER A 29 -9.33 -14.32 8.68
N ALA A 30 -8.54 -13.69 9.56
CA ALA A 30 -7.18 -13.23 9.25
C ALA A 30 -6.11 -14.33 9.23
N PHE A 31 -6.11 -15.21 10.22
CA PHE A 31 -5.09 -16.27 10.26
C PHE A 31 -5.34 -17.36 9.19
N ASP A 32 -6.59 -17.54 8.78
CA ASP A 32 -6.94 -18.47 7.70
C ASP A 32 -6.69 -17.93 6.31
N LEU A 33 -6.41 -16.62 6.21
CA LEU A 33 -6.22 -15.97 4.92
C LEU A 33 -5.10 -16.64 4.13
N GLY A 34 -5.34 -16.85 2.84
CA GLY A 34 -4.31 -17.33 1.93
C GLY A 34 -3.17 -16.33 1.82
N PHE A 35 -1.95 -16.84 1.74
CA PHE A 35 -0.74 -16.02 1.62
C PHE A 35 -0.87 -15.01 0.47
N ILE A 36 -0.56 -13.76 0.78
CA ILE A 36 -0.76 -12.66 -0.15
C ILE A 36 0.39 -12.55 -1.15
N ARG A 37 0.05 -12.67 -2.43
CA ARG A 37 0.97 -12.43 -3.53
C ARG A 37 0.42 -11.27 -4.35
N GLY A 38 0.78 -10.05 -3.98
CA GLY A 38 0.07 -8.90 -4.48
C GLY A 38 0.89 -7.85 -5.19
N MET A 39 0.16 -6.95 -5.85
CA MET A 39 0.74 -5.80 -6.53
C MET A 39 -0.13 -4.57 -6.38
N THR A 40 0.50 -3.44 -6.10
CA THR A 40 -0.20 -2.16 -6.02
C THR A 40 -0.35 -1.57 -7.42
N PHE A 41 -1.54 -1.05 -7.70
CA PHE A 41 -1.90 -0.53 -9.03
C PHE A 41 -2.42 0.90 -8.97
N GLY A 42 -1.95 1.72 -9.91
CA GLY A 42 -2.66 2.94 -10.32
C GLY A 42 -2.40 4.21 -9.55
N PHE A 43 -1.48 4.16 -8.57
CA PHE A 43 -1.11 5.35 -7.79
C PHE A 43 -0.51 6.41 -8.71
N VAL A 44 -0.84 7.70 -8.54
CA VAL A 44 -1.61 8.30 -7.43
C VAL A 44 -3.13 8.34 -7.59
N GLY A 45 -3.64 7.66 -8.62
CA GLY A 45 -5.07 7.64 -8.91
C GLY A 45 -5.63 9.02 -9.25
N GLN A 46 -4.98 9.71 -10.17
CA GLN A 46 -5.49 11.00 -10.67
C GLN A 46 -6.82 10.79 -11.39
N HIS A 47 -7.71 11.77 -11.26
CA HIS A 47 -9.01 11.73 -11.93
C HIS A 47 -8.87 11.39 -13.41
N GLY A 48 -9.66 10.41 -13.84
CA GLY A 48 -9.72 10.01 -15.25
C GLY A 48 -8.75 8.92 -15.69
N THR A 49 -7.67 8.72 -14.93
CA THR A 49 -6.60 7.81 -15.35
C THR A 49 -7.01 6.33 -15.37
N TRP A 50 -7.89 5.92 -14.44
CA TRP A 50 -8.27 4.51 -14.34
C TRP A 50 -9.40 4.16 -15.30
N GLY A 51 -10.05 5.18 -15.85
CA GLY A 51 -11.12 4.99 -16.83
C GLY A 51 -10.62 4.87 -18.26
N THR A 52 -9.29 4.80 -18.41
CA THR A 52 -8.65 4.76 -19.73
C THR A 52 -8.45 3.35 -20.25
N ASP A 53 -8.31 3.22 -21.56
CA ASP A 53 -7.94 1.96 -22.19
C ASP A 53 -6.58 1.46 -21.66
N GLU A 54 -5.66 2.40 -21.43
CA GLU A 54 -4.34 2.08 -20.88
C GLU A 54 -4.43 1.36 -19.54
N ALA A 55 -5.27 1.89 -18.63
CA ALA A 55 -5.45 1.28 -17.30
C ALA A 55 -6.00 -0.14 -17.41
N ARG A 56 -7.01 -0.33 -18.26
CA ARG A 56 -7.59 -1.66 -18.49
C ARG A 56 -6.57 -2.64 -19.07
N ALA A 57 -5.76 -2.19 -20.03
CA ALA A 57 -4.69 -3.03 -20.59
C ALA A 57 -3.62 -3.34 -19.52
N SER A 58 -3.28 -2.34 -18.70
CA SER A 58 -2.29 -2.52 -17.65
C SER A 58 -2.74 -3.51 -16.57
N MET A 59 -4.02 -3.44 -16.20
CA MET A 59 -4.59 -4.37 -15.22
C MET A 59 -4.60 -5.79 -15.77
N ARG A 60 -4.93 -5.94 -17.05
CA ARG A 60 -4.86 -7.26 -17.70
C ARG A 60 -3.44 -7.83 -17.64
N ALA A 61 -2.44 -6.99 -17.89
CA ALA A 61 -1.04 -7.43 -17.83
C ALA A 61 -0.66 -7.84 -16.40
N LEU A 62 -1.08 -7.04 -15.43
CA LEU A 62 -0.87 -7.36 -14.00
C LEU A 62 -1.44 -8.75 -13.66
N ALA A 63 -2.69 -9.01 -14.06
CA ALA A 63 -3.37 -10.28 -13.77
C ALA A 63 -2.75 -11.51 -14.44
N GLU A 64 -1.90 -11.30 -15.45
CA GLU A 64 -1.18 -12.40 -16.10
C GLU A 64 0.02 -12.89 -15.25
N GLN A 65 0.47 -12.06 -14.32
CA GLN A 65 1.51 -12.45 -13.35
C GLN A 65 0.91 -13.32 -12.25
N PRO A 66 1.74 -14.11 -11.53
CA PRO A 66 1.17 -14.94 -10.46
C PRO A 66 0.80 -14.15 -9.20
N PHE A 67 -0.07 -13.14 -9.35
CA PHE A 67 -0.61 -12.40 -8.22
C PHE A 67 -2.03 -12.87 -7.91
N ASN A 68 -2.33 -13.02 -6.63
CA ASN A 68 -3.70 -13.28 -6.17
C ASN A 68 -4.39 -12.03 -5.59
N TRP A 69 -3.64 -10.95 -5.43
CA TRP A 69 -4.17 -9.68 -4.91
C TRP A 69 -3.72 -8.49 -5.74
N VAL A 70 -4.57 -7.48 -5.79
CA VAL A 70 -4.22 -6.17 -6.29
C VAL A 70 -4.68 -5.12 -5.27
N THR A 71 -3.85 -4.10 -5.07
CA THR A 71 -4.24 -2.95 -4.27
C THR A 71 -4.48 -1.75 -5.16
N LEU A 72 -5.68 -1.21 -5.09
CA LEU A 72 -6.02 0.00 -5.82
C LEU A 72 -5.72 1.17 -4.87
N ALA A 73 -4.64 1.87 -5.18
CA ALA A 73 -4.12 2.91 -4.31
C ALA A 73 -4.28 4.27 -4.98
N PHE A 74 -4.73 5.25 -4.20
CA PHE A 74 -4.89 6.62 -4.70
C PHE A 74 -4.79 7.61 -3.56
N ALA A 75 -4.52 8.88 -3.86
CA ALA A 75 -4.34 9.88 -2.83
C ALA A 75 -5.29 11.06 -2.97
N GLY A 76 -6.00 11.37 -1.88
CA GLY A 76 -6.63 12.68 -1.71
C GLY A 76 -5.54 13.72 -1.47
N LEU A 77 -5.89 14.99 -1.53
CA LEU A 77 -4.87 16.04 -1.42
C LEU A 77 -5.13 17.05 -0.31
N MET A 78 -4.06 17.33 0.43
CA MET A 78 -3.98 18.45 1.35
C MET A 78 -3.14 19.54 0.67
N GLU A 79 -3.50 20.80 0.89
CA GLU A 79 -2.72 21.92 0.34
C GLU A 79 -1.31 21.96 0.94
N HIS A 80 -1.25 21.73 2.25
CA HIS A 80 -0.02 21.83 3.04
C HIS A 80 -0.10 20.83 4.20
N PRO A 81 1.05 20.45 4.81
CA PRO A 81 1.01 19.44 5.88
C PRO A 81 0.33 19.89 7.19
N GLY A 82 -0.05 21.17 7.26
CA GLY A 82 -0.80 21.69 8.41
C GLY A 82 -2.22 22.15 8.11
N ASP A 83 -2.72 21.80 6.92
CA ASP A 83 -4.10 22.09 6.49
C ASP A 83 -4.97 20.87 6.77
N PRO A 84 -6.01 21.05 7.61
CA PRO A 84 -6.89 19.92 7.97
C PRO A 84 -7.90 19.53 6.88
N ALA A 85 -8.03 20.34 5.83
CA ALA A 85 -8.95 20.06 4.74
C ALA A 85 -8.36 19.01 3.79
N ILE A 86 -9.17 18.03 3.37
CA ILE A 86 -8.71 17.03 2.40
C ILE A 86 -9.62 17.01 1.17
N ALA A 87 -9.04 17.18 0.00
CA ALA A 87 -9.81 17.12 -1.24
C ALA A 87 -9.69 15.74 -1.86
N TYR A 88 -10.84 15.09 -2.05
CA TYR A 88 -10.89 13.77 -2.67
C TYR A 88 -12.10 13.67 -3.60
N GLY A 89 -12.19 12.56 -4.34
CA GLY A 89 -13.19 12.45 -5.41
C GLY A 89 -12.82 13.33 -6.60
N PRO A 90 -13.62 13.26 -7.68
CA PRO A 90 -13.42 14.14 -8.83
C PRO A 90 -13.56 15.61 -8.40
N PRO A 91 -12.79 16.52 -9.00
CA PRO A 91 -11.85 16.32 -10.10
C PRO A 91 -10.44 15.99 -9.65
N VAL A 92 -10.27 15.71 -8.35
CA VAL A 92 -8.95 15.47 -7.78
C VAL A 92 -8.52 14.01 -7.98
N THR A 93 -9.31 13.08 -7.46
CA THR A 93 -8.99 11.67 -7.55
C THR A 93 -9.84 10.98 -8.61
N VAL A 94 -9.48 9.74 -8.92
CA VAL A 94 -10.38 8.84 -9.64
C VAL A 94 -11.76 8.88 -9.01
N SER A 95 -12.79 8.79 -9.84
CA SER A 95 -14.17 8.78 -9.35
C SER A 95 -14.50 7.45 -8.68
N ASP A 96 -15.58 7.43 -7.90
CA ASP A 96 -16.12 6.20 -7.35
C ASP A 96 -16.42 5.18 -8.46
N ASP A 97 -16.88 5.65 -9.62
CA ASP A 97 -17.11 4.78 -10.77
C ASP A 97 -15.83 4.18 -11.34
N GLU A 98 -14.77 4.98 -11.42
CA GLU A 98 -13.46 4.49 -11.88
C GLU A 98 -12.91 3.40 -10.94
N ILE A 99 -13.09 3.62 -9.63
CA ILE A 99 -12.68 2.62 -8.63
C ILE A 99 -13.47 1.32 -8.83
N ALA A 100 -14.79 1.45 -8.94
CA ALA A 100 -15.68 0.33 -9.23
C ALA A 100 -15.29 -0.40 -10.52
N SER A 101 -14.93 0.35 -11.57
CA SER A 101 -14.51 -0.23 -12.83
C SER A 101 -13.26 -1.10 -12.68
N MET A 102 -12.25 -0.56 -11.99
CA MET A 102 -11.02 -1.30 -11.72
C MET A 102 -11.24 -2.50 -10.80
N ALA A 103 -12.03 -2.32 -9.73
CA ALA A 103 -12.36 -3.43 -8.83
C ALA A 103 -13.08 -4.56 -9.59
N GLU A 104 -14.04 -4.17 -10.43
CA GLU A 104 -14.81 -5.11 -11.23
C GLU A 104 -13.92 -5.89 -12.22
N LEU A 105 -13.04 -5.17 -12.90
CA LEU A 105 -12.09 -5.81 -13.81
C LEU A 105 -11.15 -6.79 -13.08
N ALA A 106 -10.51 -6.32 -12.01
CA ALA A 106 -9.63 -7.18 -11.21
C ALA A 106 -10.34 -8.44 -10.72
N HIS A 107 -11.57 -8.27 -10.20
CA HIS A 107 -12.38 -9.39 -9.72
C HIS A 107 -12.71 -10.39 -10.84
N ALA A 108 -12.99 -9.87 -12.03
CA ALA A 108 -13.32 -10.73 -13.18
C ALA A 108 -12.07 -11.48 -13.67
N LEU A 109 -10.90 -10.94 -13.36
CA LEU A 109 -9.63 -11.56 -13.71
C LEU A 109 -9.10 -12.49 -12.60
N GLY A 110 -9.88 -12.65 -11.54
CA GLY A 110 -9.59 -13.61 -10.47
C GLY A 110 -8.79 -13.08 -9.31
N LEU A 111 -8.62 -11.75 -9.25
CA LEU A 111 -7.85 -11.12 -8.19
C LEU A 111 -8.77 -10.70 -7.04
N LYS A 112 -8.24 -10.79 -5.81
CA LYS A 112 -8.84 -10.13 -4.66
C LYS A 112 -8.34 -8.69 -4.65
N VAL A 113 -9.15 -7.78 -4.10
CA VAL A 113 -8.88 -6.35 -4.19
C VAL A 113 -8.82 -5.69 -2.81
N CYS A 114 -7.73 -4.98 -2.55
CA CYS A 114 -7.62 -4.11 -1.39
C CYS A 114 -7.79 -2.68 -1.88
N LEU A 115 -8.68 -1.92 -1.24
CA LEU A 115 -8.80 -0.49 -1.51
C LEU A 115 -7.98 0.30 -0.51
N LYS A 116 -7.13 1.19 -1.02
CA LYS A 116 -6.17 1.92 -0.21
C LYS A 116 -6.19 3.42 -0.55
N PRO A 117 -7.13 4.16 0.08
CA PRO A 117 -7.09 5.61 0.00
C PRO A 117 -5.99 6.13 0.91
N THR A 118 -5.30 7.18 0.49
CA THR A 118 -4.38 7.88 1.37
C THR A 118 -4.41 9.39 1.09
N VAL A 119 -3.49 10.13 1.68
CA VAL A 119 -3.40 11.57 1.48
C VAL A 119 -1.97 11.96 1.10
N ASN A 120 -1.86 12.86 0.12
CA ASN A 120 -0.59 13.49 -0.22
C ASN A 120 -0.72 14.99 0.00
N CYS A 121 0.41 15.68 0.11
CA CYS A 121 0.43 17.14 0.26
C CYS A 121 0.88 17.76 -1.04
N ARG A 122 0.15 18.79 -1.47
CA ARG A 122 0.44 19.46 -2.74
C ARG A 122 1.82 20.10 -2.77
N ASP A 123 2.33 20.47 -1.59
CA ASP A 123 3.66 21.09 -1.50
C ASP A 123 4.80 20.07 -1.50
N GLY A 124 4.43 18.78 -1.53
CA GLY A 124 5.39 17.69 -1.61
C GLY A 124 5.76 17.05 -0.28
N THR A 125 5.31 17.63 0.82
CA THR A 125 5.62 17.09 2.15
C THR A 125 5.06 15.66 2.28
N TRP A 126 5.91 14.76 2.75
CA TRP A 126 5.53 13.38 2.97
C TRP A 126 4.43 13.30 4.03
N ARG A 127 3.42 12.47 3.78
CA ARG A 127 2.25 12.37 4.66
C ARG A 127 2.61 11.94 6.08
N GLY A 128 3.76 11.29 6.22
CA GLY A 128 4.28 10.86 7.54
C GLY A 128 4.77 12.00 8.42
N GLU A 129 4.77 13.22 7.87
CA GLU A 129 5.23 14.41 8.58
C GLU A 129 4.16 15.49 8.76
N ILE A 130 2.91 15.17 8.43
CA ILE A 130 1.81 16.12 8.67
C ILE A 130 1.76 16.45 10.17
N ARG A 131 1.39 17.68 10.50
CA ARG A 131 1.45 18.13 11.89
C ARG A 131 0.57 19.33 12.13
N PHE A 132 -0.01 19.36 13.33
CA PHE A 132 -0.90 20.44 13.77
C PHE A 132 -0.46 20.96 15.13
N GLU A 133 -0.62 22.27 15.34
CA GLU A 133 -0.17 22.92 16.57
C GLU A 133 -1.12 22.65 17.74
N LYS A 134 -2.33 22.18 17.44
CA LYS A 134 -3.35 21.96 18.48
C LYS A 134 -3.97 20.58 18.32
N GLU A 135 -4.26 19.94 19.45
CA GLU A 135 -4.99 18.67 19.43
C GLU A 135 -6.47 18.87 19.07
N HIS A 136 -7.10 19.86 19.70
CA HIS A 136 -8.53 20.11 19.54
C HIS A 136 -8.89 21.49 18.94
N GLY A 137 -10.11 21.59 18.43
CA GLY A 137 -10.59 22.84 17.82
C GLY A 137 -11.10 22.59 16.41
N PRO A 138 -12.42 22.39 16.25
CA PRO A 138 -12.99 22.03 14.94
C PRO A 138 -12.83 23.12 13.86
N ASP A 139 -12.66 24.37 14.25
CA ASP A 139 -12.45 25.44 13.27
C ASP A 139 -11.01 25.98 13.27
N LEU A 140 -10.11 25.25 13.94
CA LEU A 140 -8.68 25.55 13.95
C LEU A 140 -7.96 24.55 13.04
N GLU A 141 -6.67 24.75 12.84
CA GLU A 141 -5.86 23.72 12.21
C GLU A 141 -5.38 22.80 13.33
N SER A 142 -6.25 21.85 13.67
CA SER A 142 -6.04 20.91 14.76
C SER A 142 -6.03 19.48 14.26
N TRP A 143 -5.49 18.57 15.06
CA TRP A 143 -5.64 17.14 14.79
C TRP A 143 -7.11 16.72 14.72
N GLU A 144 -7.93 17.30 15.59
CA GLU A 144 -9.37 17.08 15.59
C GLU A 144 -9.97 17.38 14.22
N ALA A 145 -9.68 18.58 13.71
CA ALA A 145 -10.23 19.02 12.43
C ALA A 145 -9.78 18.13 11.28
N TRP A 146 -8.49 17.77 11.27
CA TRP A 146 -7.93 16.90 10.23
C TRP A 146 -8.52 15.50 10.25
N PHE A 147 -8.63 14.92 11.45
CA PHE A 147 -9.22 13.59 11.59
C PHE A 147 -10.69 13.60 11.21
N GLY A 148 -11.36 14.72 11.45
CA GLY A 148 -12.71 14.94 10.93
C GLY A 148 -12.77 14.72 9.41
N SER A 149 -11.88 15.42 8.69
CA SER A 149 -11.81 15.29 7.24
C SER A 149 -11.37 13.89 6.82
N TYR A 150 -10.42 13.32 7.55
CA TYR A 150 -9.85 12.02 7.22
C TYR A 150 -10.87 10.90 7.46
N SER A 151 -11.55 10.97 8.60
CA SER A 151 -12.60 10.00 8.92
C SER A 151 -13.73 10.05 7.88
N ASP A 152 -14.14 11.27 7.52
CA ASP A 152 -15.15 11.45 6.45
C ASP A 152 -14.69 10.76 5.17
N MET A 153 -13.44 10.98 4.77
CA MET A 153 -12.91 10.37 3.54
C MET A 153 -12.88 8.84 3.64
N MET A 154 -12.34 8.33 4.73
CA MET A 154 -12.27 6.87 4.92
C MET A 154 -13.65 6.20 4.97
N ALA A 155 -14.61 6.83 5.63
CA ALA A 155 -15.99 6.32 5.66
C ALA A 155 -16.55 6.23 4.23
N HIS A 156 -16.30 7.27 3.44
CA HIS A 156 -16.78 7.30 2.06
C HIS A 156 -16.22 6.13 1.26
N TYR A 157 -14.90 5.94 1.34
CA TYR A 157 -14.26 4.86 0.58
C TYR A 157 -14.47 3.47 1.18
N ALA A 158 -14.70 3.40 2.49
CA ALA A 158 -15.11 2.12 3.11
C ALA A 158 -16.47 1.65 2.57
N HIS A 159 -17.37 2.60 2.35
CA HIS A 159 -18.65 2.31 1.72
C HIS A 159 -18.47 1.87 0.25
N VAL A 160 -17.57 2.54 -0.48
CA VAL A 160 -17.20 2.13 -1.84
C VAL A 160 -16.65 0.70 -1.85
N ALA A 161 -15.75 0.41 -0.92
CA ALA A 161 -15.16 -0.93 -0.75
C ALA A 161 -16.23 -2.01 -0.53
N LYS A 162 -17.20 -1.72 0.34
CA LYS A 162 -18.33 -2.64 0.56
C LYS A 162 -19.13 -2.86 -0.73
N ARG A 163 -19.52 -1.77 -1.37
CA ARG A 163 -20.36 -1.84 -2.56
C ARG A 163 -19.68 -2.59 -3.71
N THR A 164 -18.36 -2.44 -3.82
CA THR A 164 -17.59 -3.05 -4.90
C THR A 164 -16.99 -4.42 -4.53
N GLY A 165 -17.34 -4.92 -3.34
CA GLY A 165 -16.91 -6.24 -2.88
C GLY A 165 -15.40 -6.40 -2.67
N CYS A 166 -14.72 -5.29 -2.37
CA CYS A 166 -13.29 -5.33 -2.06
C CYS A 166 -13.06 -6.19 -0.81
N GLU A 167 -12.10 -7.09 -0.92
CA GLU A 167 -11.82 -8.06 0.12
C GLU A 167 -11.02 -7.49 1.29
N MET A 168 -10.37 -6.35 1.05
CA MET A 168 -9.62 -5.66 2.10
C MET A 168 -9.72 -4.13 1.94
N PHE A 169 -9.62 -3.43 3.07
CA PHE A 169 -9.57 -1.98 3.10
C PHE A 169 -8.42 -1.54 3.98
N CYS A 170 -7.63 -0.58 3.50
CA CYS A 170 -6.47 -0.05 4.25
C CYS A 170 -6.81 1.33 4.79
N VAL A 171 -6.84 1.46 6.12
CA VAL A 171 -7.31 2.71 6.76
C VAL A 171 -6.27 3.81 6.80
N GLY A 172 -5.03 3.50 6.45
CA GLY A 172 -3.97 4.50 6.46
C GLY A 172 -2.63 3.97 5.99
N CYS A 173 -1.76 4.90 5.60
CA CYS A 173 -0.45 4.57 5.04
C CYS A 173 0.64 5.52 5.56
N GLU A 174 1.58 4.99 6.33
CA GLU A 174 2.81 5.70 6.72
C GLU A 174 2.54 6.98 7.51
N MET A 175 1.50 6.97 8.35
CA MET A 175 1.06 8.19 9.05
C MET A 175 1.77 8.35 10.39
N THR A 176 3.11 8.45 10.33
CA THR A 176 3.95 8.37 11.53
C THR A 176 3.58 9.43 12.60
N THR A 177 3.44 10.68 12.18
CA THR A 177 3.08 11.75 13.11
C THR A 177 1.65 11.62 13.64
N ALA A 178 0.80 10.98 12.86
CA ALA A 178 -0.62 10.79 13.23
C ALA A 178 -0.82 9.65 14.23
N GLU A 179 0.05 8.64 14.16
CA GLU A 179 -0.06 7.42 14.98
C GLU A 179 -0.28 7.61 16.50
N PRO A 180 0.48 8.52 17.16
CA PRO A 180 0.21 8.69 18.60
C PRO A 180 -1.19 9.20 18.97
N HIS A 181 -1.96 9.66 18.00
CA HIS A 181 -3.34 10.07 18.25
C HIS A 181 -4.25 8.85 18.20
N GLU A 182 -4.09 8.01 19.21
CA GLU A 182 -4.71 6.68 19.28
C GLU A 182 -6.22 6.75 19.24
N ALA A 183 -6.81 7.63 20.06
CA ALA A 183 -8.26 7.75 20.16
C ALA A 183 -8.89 8.14 18.82
N MET A 184 -8.25 9.08 18.12
CA MET A 184 -8.72 9.52 16.81
C MET A 184 -8.57 8.43 15.75
N TRP A 185 -7.48 7.68 15.81
CA TRP A 185 -7.35 6.49 14.95
C TRP A 185 -8.43 5.45 15.22
N ARG A 186 -8.71 5.20 16.51
CA ARG A 186 -9.75 4.22 16.87
C ARG A 186 -11.13 4.63 16.38
N GLU A 187 -11.41 5.93 16.38
CA GLU A 187 -12.65 6.46 15.81
C GLU A 187 -12.73 6.23 14.31
N THR A 188 -11.65 6.56 13.60
CA THR A 188 -11.58 6.33 12.15
C THR A 188 -11.82 4.85 11.84
N ILE A 189 -11.18 3.97 12.61
CA ILE A 189 -11.36 2.54 12.40
C ILE A 189 -12.80 2.08 12.71
N ALA A 190 -13.38 2.56 13.81
CA ALA A 190 -14.77 2.19 14.16
C ALA A 190 -15.74 2.67 13.08
N ARG A 191 -15.46 3.84 12.51
CA ARG A 191 -16.26 4.36 11.42
C ARG A 191 -16.18 3.49 10.17
N VAL A 192 -14.97 3.04 9.83
CA VAL A 192 -14.77 2.11 8.72
C VAL A 192 -15.53 0.81 8.97
N ARG A 193 -15.36 0.23 10.16
CA ARG A 193 -16.08 -1.00 10.52
C ARG A 193 -17.59 -0.86 10.34
N THR A 194 -18.11 0.34 10.60
CA THR A 194 -19.53 0.62 10.46
C THR A 194 -19.97 0.49 8.99
N GLU A 195 -19.08 0.86 8.06
CA GLU A 195 -19.39 0.90 6.64
C GLU A 195 -18.97 -0.37 5.89
N TYR A 196 -18.07 -1.14 6.51
CA TYR A 196 -17.34 -2.18 5.79
C TYR A 196 -17.04 -3.36 6.70
N ASP A 197 -17.38 -4.56 6.26
CA ASP A 197 -17.21 -5.76 7.11
C ASP A 197 -16.17 -6.75 6.59
N GLY A 198 -15.32 -6.31 5.66
CA GLY A 198 -14.22 -7.12 5.17
C GLY A 198 -12.99 -6.96 6.03
N LEU A 199 -11.84 -7.39 5.51
CA LEU A 199 -10.58 -7.34 6.26
C LEU A 199 -10.07 -5.91 6.31
N VAL A 200 -9.56 -5.52 7.47
CA VAL A 200 -9.08 -4.16 7.66
C VAL A 200 -7.62 -4.21 8.09
N THR A 201 -6.79 -3.38 7.46
CA THR A 201 -5.42 -3.22 7.87
C THR A 201 -5.07 -1.74 8.01
N TYR A 202 -4.01 -1.48 8.77
CA TYR A 202 -3.32 -0.20 8.74
C TYR A 202 -1.89 -0.47 8.31
N ASN A 203 -1.42 0.36 7.38
CA ASN A 203 -0.11 0.26 6.75
C ASN A 203 0.82 1.28 7.42
N CYS A 204 1.69 0.82 8.31
CA CYS A 204 2.69 1.70 8.93
C CYS A 204 3.97 1.75 8.08
N ASN A 205 4.85 2.70 8.40
CA ASN A 205 6.14 2.80 7.72
C ASN A 205 7.12 1.74 8.27
N HIS A 206 8.14 1.42 7.49
CA HIS A 206 9.22 0.56 7.97
C HIS A 206 9.77 1.18 9.26
N GLY A 207 10.09 0.35 10.24
CA GLY A 207 10.57 0.81 11.54
C GLY A 207 9.49 1.23 12.53
N ARG A 208 8.23 1.19 12.09
CA ARG A 208 7.10 1.61 12.94
C ARG A 208 6.23 0.46 13.44
N GLU A 209 6.53 -0.75 12.97
CA GLU A 209 5.75 -1.95 13.29
C GLU A 209 5.56 -2.14 14.80
N GLU A 210 6.65 -1.98 15.55
CA GLU A 210 6.61 -2.15 17.00
C GLU A 210 6.09 -0.92 17.74
N HIS A 211 5.91 0.20 17.03
CA HIS A 211 5.52 1.46 17.69
C HIS A 211 4.02 1.76 17.70
N VAL A 212 3.30 1.23 16.72
CA VAL A 212 1.85 1.45 16.63
C VAL A 212 1.12 0.81 17.81
N ARG A 213 0.17 1.53 18.39
CA ARG A 213 -0.50 1.11 19.60
C ARG A 213 -1.95 0.68 19.40
N PHE A 214 -2.43 0.72 18.17
CA PHE A 214 -3.81 0.32 17.87
C PHE A 214 -3.94 -0.90 16.95
N TRP A 215 -2.92 -1.77 16.90
CA TRP A 215 -2.98 -2.97 16.05
C TRP A 215 -4.15 -3.88 16.43
N ASP A 216 -4.55 -3.84 17.71
CA ASP A 216 -5.70 -4.62 18.18
C ASP A 216 -7.00 -4.26 17.45
N ALA A 217 -7.08 -3.03 16.95
CA ALA A 217 -8.29 -2.56 16.26
C ALA A 217 -8.38 -2.96 14.78
N VAL A 218 -7.32 -3.56 14.24
CA VAL A 218 -7.33 -4.04 12.86
C VAL A 218 -7.19 -5.56 12.79
N ASP A 219 -7.37 -6.12 11.60
CA ASP A 219 -7.33 -7.58 11.41
C ASP A 219 -5.95 -8.09 11.05
N LEU A 220 -5.20 -7.25 10.36
CA LEU A 220 -3.85 -7.57 9.86
C LEU A 220 -2.92 -6.40 10.10
N ILE A 221 -1.74 -6.70 10.65
CA ILE A 221 -0.67 -5.72 10.75
C ILE A 221 0.03 -5.61 9.38
N SER A 222 0.23 -4.40 8.88
CA SER A 222 0.98 -4.25 7.63
C SER A 222 1.96 -3.10 7.65
N SER A 223 3.00 -3.20 6.83
CA SER A 223 4.00 -2.15 6.77
C SER A 223 4.56 -1.91 5.37
N SER A 224 5.15 -0.74 5.18
CA SER A 224 5.89 -0.40 3.98
C SER A 224 7.31 -0.80 4.27
N ALA A 225 7.62 -2.06 3.96
CA ALA A 225 8.86 -2.72 4.40
C ALA A 225 10.03 -2.50 3.45
N TYR A 226 10.39 -1.23 3.27
CA TYR A 226 11.52 -0.86 2.44
C TYR A 226 12.79 -0.97 3.27
N TYR A 227 13.19 -2.21 3.56
CA TYR A 227 14.40 -2.46 4.33
C TYR A 227 15.56 -2.65 3.35
N PRO A 228 16.73 -2.02 3.63
CA PRO A 228 17.88 -2.20 2.77
C PRO A 228 18.25 -3.68 2.60
N ILE A 229 18.85 -4.01 1.46
CA ILE A 229 19.27 -5.38 1.16
C ILE A 229 19.92 -6.09 2.36
N ASP A 230 20.85 -5.40 3.02
CA ASP A 230 21.62 -5.99 4.12
C ASP A 230 20.90 -5.98 5.47
N ARG A 231 19.71 -5.39 5.52
CA ARG A 231 18.98 -5.24 6.79
C ARG A 231 17.91 -6.31 7.01
N TRP A 232 17.56 -7.03 5.94
CA TRP A 232 16.44 -7.99 5.99
C TRP A 232 16.56 -9.07 7.06
N ARG A 233 17.68 -9.79 7.07
CA ARG A 233 17.91 -10.85 8.05
C ARG A 233 17.82 -10.33 9.50
N ASP A 234 18.39 -9.15 9.74
CA ASP A 234 18.39 -8.51 11.05
C ASP A 234 16.99 -8.07 11.51
N ARG A 235 16.14 -7.74 10.54
CA ARG A 235 14.83 -7.16 10.83
C ARG A 235 13.74 -8.20 11.12
N VAL A 236 13.85 -9.36 10.48
CA VAL A 236 12.86 -10.44 10.63
C VAL A 236 12.47 -10.76 12.08
N PRO A 237 13.46 -10.95 12.98
CA PRO A 237 13.12 -11.24 14.37
C PRO A 237 12.11 -10.26 15.00
N VAL A 238 12.31 -8.96 14.81
CA VAL A 238 11.39 -7.97 15.39
C VAL A 238 10.01 -8.05 14.75
N LEU A 239 9.95 -8.29 13.44
CA LEU A 239 8.68 -8.46 12.73
C LEU A 239 7.90 -9.65 13.28
N ARG A 240 8.58 -10.80 13.42
CA ARG A 240 7.98 -11.96 14.07
C ARG A 240 7.48 -11.63 15.48
N GLU A 241 8.31 -10.93 16.24
CA GLU A 241 7.98 -10.56 17.62
C GLU A 241 6.75 -9.65 17.70
N VAL A 242 6.62 -8.74 16.74
CA VAL A 242 5.46 -7.86 16.65
C VAL A 242 4.17 -8.65 16.36
N ALA A 243 4.23 -9.53 15.37
CA ALA A 243 3.10 -10.39 15.01
C ALA A 243 2.67 -11.26 16.19
N GLU A 244 3.64 -11.91 16.84
CA GLU A 244 3.35 -12.82 17.94
C GLU A 244 2.87 -12.09 19.19
N ALA A 245 3.45 -10.93 19.47
CA ALA A 245 3.02 -10.09 20.60
C ALA A 245 1.56 -9.60 20.51
N HIS A 246 1.15 -9.18 19.31
CA HIS A 246 -0.22 -8.68 19.11
C HIS A 246 -1.18 -9.77 18.66
N GLU A 247 -0.64 -10.98 18.48
CA GLU A 247 -1.42 -12.15 18.07
C GLU A 247 -2.20 -11.87 16.78
N LYS A 248 -1.52 -11.20 15.84
CA LYS A 248 -2.09 -10.84 14.54
C LYS A 248 -1.11 -11.27 13.46
N PRO A 249 -1.62 -11.68 12.28
CA PRO A 249 -0.70 -11.90 11.16
C PRO A 249 -0.15 -10.57 10.64
N LEU A 250 1.03 -10.62 10.05
CA LEU A 250 1.71 -9.44 9.55
C LEU A 250 2.06 -9.64 8.07
N PHE A 251 1.80 -8.63 7.25
CA PHE A 251 2.26 -8.64 5.86
C PHE A 251 2.79 -7.27 5.45
N PHE A 252 3.32 -7.19 4.23
CA PHE A 252 3.85 -5.94 3.73
C PHE A 252 2.85 -5.30 2.77
N MET A 253 2.25 -4.18 3.18
CA MET A 253 1.32 -3.44 2.32
C MET A 253 2.06 -2.67 1.22
N GLU A 254 3.35 -2.45 1.43
CA GLU A 254 4.26 -1.94 0.40
C GLU A 254 5.61 -2.61 0.54
N VAL A 255 6.11 -3.15 -0.57
CA VAL A 255 7.51 -3.57 -0.69
C VAL A 255 7.98 -3.44 -2.12
N GLY A 256 9.21 -2.98 -2.30
CA GLY A 256 9.77 -2.83 -3.62
C GLY A 256 11.03 -2.01 -3.66
N CYS A 257 11.56 -1.85 -4.88
CA CYS A 257 12.83 -1.19 -5.11
C CYS A 257 12.89 -0.68 -6.54
N PRO A 258 13.31 0.59 -6.73
CA PRO A 258 13.48 1.07 -8.10
C PRO A 258 14.69 0.40 -8.78
N SER A 259 14.62 0.28 -10.10
CA SER A 259 15.71 -0.28 -10.87
C SER A 259 16.76 0.80 -11.18
N ARG A 260 17.37 1.31 -10.12
CA ARG A 260 18.42 2.33 -10.20
C ARG A 260 19.62 1.92 -9.36
N SER A 261 20.80 2.37 -9.77
CA SER A 261 22.06 2.07 -9.07
C SER A 261 22.01 2.50 -7.61
N GLY A 262 22.35 1.56 -6.71
CA GLY A 262 22.43 1.85 -5.28
C GLY A 262 21.09 1.95 -4.53
N SER A 263 19.99 1.82 -5.27
CA SER A 263 18.64 1.87 -4.68
C SER A 263 18.36 0.82 -3.61
N GLY A 264 19.04 -0.32 -3.70
CA GLY A 264 18.90 -1.39 -2.72
C GLY A 264 19.27 -0.99 -1.30
N ALA A 265 20.01 0.11 -1.16
CA ALA A 265 20.43 0.63 0.14
C ALA A 265 19.41 1.61 0.71
N CYS A 266 18.55 2.14 -0.16
CA CYS A 266 17.50 3.07 0.24
C CYS A 266 16.21 2.81 -0.56
N PRO A 267 15.59 1.62 -0.38
CA PRO A 267 14.47 1.18 -1.22
C PRO A 267 13.25 2.09 -1.23
N TRP A 268 13.07 2.86 -0.16
CA TRP A 268 11.92 3.75 0.03
C TRP A 268 11.97 5.01 -0.85
N ASP A 269 13.16 5.31 -1.38
CA ASP A 269 13.42 6.59 -2.04
C ASP A 269 13.21 6.54 -3.55
N TYR A 270 12.07 7.06 -4.00
CA TYR A 270 11.80 7.13 -5.45
C TYR A 270 12.56 8.26 -6.15
N ARG A 271 13.12 9.17 -5.35
CA ARG A 271 13.90 10.30 -5.88
C ARG A 271 15.40 10.01 -5.97
N HIS A 272 15.83 8.85 -5.46
CA HIS A 272 17.25 8.48 -5.43
C HIS A 272 17.90 8.53 -6.82
N PRO A 273 18.89 9.42 -6.99
CA PRO A 273 19.56 9.55 -8.29
C PRO A 273 20.52 8.39 -8.55
N GLY A 274 20.59 7.97 -9.80
CA GLY A 274 21.47 6.87 -10.20
C GLY A 274 21.09 6.32 -11.55
N ALA A 275 22.09 5.75 -12.24
CA ALA A 275 21.85 5.09 -13.52
C ALA A 275 20.81 3.99 -13.38
N VAL A 276 20.12 3.69 -14.48
CA VAL A 276 19.23 2.53 -14.54
C VAL A 276 20.06 1.28 -14.23
N CYS A 277 19.52 0.45 -13.35
CA CYS A 277 20.21 -0.77 -12.94
C CYS A 277 19.20 -1.86 -12.60
N LEU A 278 18.93 -2.73 -13.56
CA LEU A 278 17.93 -3.79 -13.39
C LEU A 278 18.32 -4.82 -12.33
N ASP A 279 19.61 -5.14 -12.25
CA ASP A 279 20.10 -6.12 -11.27
C ASP A 279 19.93 -5.69 -9.81
N GLU A 280 20.04 -4.38 -9.56
CA GLU A 280 19.88 -3.87 -8.20
C GLU A 280 18.49 -4.22 -7.64
N GLN A 281 17.47 -3.99 -8.46
CA GLN A 281 16.09 -4.32 -8.12
C GLN A 281 15.91 -5.83 -7.92
N ALA A 282 16.54 -6.63 -8.77
CA ALA A 282 16.45 -8.08 -8.67
C ALA A 282 17.06 -8.58 -7.36
N ARG A 283 18.23 -8.04 -7.02
CA ARG A 283 18.94 -8.39 -5.79
C ARG A 283 18.10 -8.07 -4.56
N PHE A 284 17.40 -6.94 -4.59
CA PHE A 284 16.51 -6.56 -3.49
C PHE A 284 15.46 -7.64 -3.24
N TYR A 285 14.79 -8.05 -4.30
CA TYR A 285 13.76 -9.09 -4.20
C TYR A 285 14.33 -10.43 -3.74
N GLU A 286 15.49 -10.82 -4.26
CA GLU A 286 16.13 -12.06 -3.83
C GLU A 286 16.48 -12.02 -2.35
N ALA A 287 17.04 -10.90 -1.90
CA ALA A 287 17.41 -10.72 -0.48
C ALA A 287 16.19 -10.82 0.43
N MET A 288 15.08 -10.22 0.01
CA MET A 288 13.84 -10.25 0.80
C MET A 288 13.29 -11.67 0.88
N PHE A 289 13.10 -12.30 -0.27
CA PHE A 289 12.59 -13.68 -0.33
C PHE A 289 13.44 -14.67 0.44
N ALA A 290 14.76 -14.46 0.41
CA ALA A 290 15.71 -15.30 1.16
C ALA A 290 15.51 -15.15 2.67
N ALA A 291 15.23 -13.93 3.14
CA ALA A 291 15.15 -13.65 4.56
C ALA A 291 13.80 -14.01 5.20
N MET A 292 12.72 -13.87 4.44
CA MET A 292 11.40 -14.14 5.00
C MET A 292 11.14 -15.62 5.22
N PRO A 293 10.81 -16.01 6.47
CA PRO A 293 10.57 -17.42 6.78
C PRO A 293 9.18 -17.90 6.35
N ASP A 294 9.06 -19.20 6.12
CA ASP A 294 7.77 -19.83 5.89
C ASP A 294 7.15 -20.14 7.25
N GLU A 295 6.53 -19.13 7.83
CA GLU A 295 5.93 -19.23 9.15
C GLU A 295 4.58 -18.54 9.14
N PRO A 296 3.58 -19.12 9.87
CA PRO A 296 2.20 -18.69 9.73
C PRO A 296 1.91 -17.23 10.12
N TRP A 297 2.77 -16.61 10.93
CA TRP A 297 2.60 -15.20 11.33
C TRP A 297 2.77 -14.23 10.16
N PHE A 298 3.55 -14.63 9.17
CA PHE A 298 3.81 -13.81 7.98
C PHE A 298 2.86 -14.15 6.85
N LYS A 299 2.13 -13.15 6.37
CA LYS A 299 1.07 -13.38 5.38
C LYS A 299 1.34 -12.81 3.98
N GLY A 300 2.54 -12.30 3.74
CA GLY A 300 2.96 -12.02 2.38
C GLY A 300 3.27 -10.59 1.97
N TYR A 301 3.05 -10.34 0.68
CA TYR A 301 3.66 -9.19 0.01
C TYR A 301 2.67 -8.46 -0.87
N MET A 302 2.59 -7.15 -0.68
CA MET A 302 1.88 -6.30 -1.61
C MET A 302 2.94 -5.41 -2.24
N LEU A 303 3.37 -5.78 -3.45
CA LEU A 303 4.51 -5.09 -4.06
C LEU A 303 4.19 -3.66 -4.49
N TRP A 304 5.21 -2.81 -4.50
CA TRP A 304 5.13 -1.44 -4.97
C TRP A 304 6.08 -1.32 -6.18
N GLU A 305 5.60 -0.98 -7.38
CA GLU A 305 4.20 -0.69 -7.74
C GLU A 305 4.00 -0.93 -9.25
N TRP A 306 2.76 -0.80 -9.73
CA TRP A 306 2.40 -1.01 -11.14
C TRP A 306 1.64 0.23 -11.62
N PRO A 307 2.08 0.80 -12.76
CA PRO A 307 1.45 2.04 -13.28
C PRO A 307 0.14 1.75 -13.99
N TRP A 308 -0.76 2.74 -14.02
CA TRP A 308 -1.97 2.63 -14.83
C TRP A 308 -1.62 2.68 -16.31
N LYS A 309 -0.51 3.33 -16.65
CA LYS A 309 0.01 3.34 -18.02
C LYS A 309 1.31 2.56 -18.10
N LEU A 310 1.21 1.32 -18.59
CA LEU A 310 2.33 0.39 -18.57
C LEU A 310 3.17 0.50 -19.83
N TYR A 311 4.48 0.68 -19.66
CA TYR A 311 5.45 0.71 -20.76
C TYR A 311 5.51 -0.66 -21.50
N PRO A 312 5.92 -0.67 -22.79
CA PRO A 312 6.07 -1.98 -23.42
C PRO A 312 7.30 -2.72 -22.89
N ARG A 313 7.23 -4.06 -22.90
CA ARG A 313 8.30 -4.91 -22.37
C ARG A 313 9.69 -4.49 -22.82
N GLU A 314 9.83 -4.14 -24.10
CA GLU A 314 11.12 -3.77 -24.68
C GLU A 314 11.73 -2.50 -24.06
N ALA A 315 10.88 -1.62 -23.55
CA ALA A 315 11.33 -0.36 -22.97
C ALA A 315 11.82 -0.49 -21.52
N ALA A 316 11.65 -1.68 -20.94
CA ALA A 316 11.96 -1.94 -19.53
C ALA A 316 13.41 -1.67 -19.15
N SER A 317 14.33 -1.94 -20.07
CA SER A 317 15.76 -1.76 -19.82
C SER A 317 16.14 -0.30 -19.59
N GLU A 318 15.25 0.61 -20.00
CA GLU A 318 15.45 2.05 -19.86
C GLU A 318 14.69 2.63 -18.67
N ASP A 319 13.86 1.79 -18.04
CA ASP A 319 12.96 2.25 -16.99
C ASP A 319 13.60 2.15 -15.60
N GLY A 320 13.59 3.26 -14.87
CA GLY A 320 14.18 3.30 -13.53
C GLY A 320 13.18 3.27 -12.38
N SER A 321 11.94 2.90 -12.68
CA SER A 321 10.86 2.96 -11.69
C SER A 321 10.79 1.72 -10.81
N TYR A 322 9.85 1.72 -9.87
CA TYR A 322 9.56 0.55 -9.04
C TYR A 322 8.96 -0.62 -9.82
N CYS A 323 8.45 -0.37 -11.02
CA CYS A 323 7.76 -1.43 -11.74
C CYS A 323 8.73 -2.55 -12.09
N ILE A 324 8.30 -3.80 -11.91
CA ILE A 324 9.15 -4.97 -12.20
C ILE A 324 8.93 -5.53 -13.61
N TYR A 325 7.87 -5.07 -14.28
CA TYR A 325 7.48 -5.54 -15.61
C TYR A 325 8.63 -5.46 -16.63
N GLY A 326 8.91 -6.59 -17.29
CA GLY A 326 9.95 -6.65 -18.32
C GLY A 326 11.38 -6.66 -17.80
N LYS A 327 11.54 -6.71 -16.48
CA LYS A 327 12.85 -6.67 -15.85
C LYS A 327 13.14 -8.01 -15.17
N PRO A 328 14.43 -8.34 -14.91
CA PRO A 328 14.75 -9.59 -14.20
C PRO A 328 13.91 -9.82 -12.92
N ALA A 329 13.63 -8.75 -12.18
CA ALA A 329 12.79 -8.86 -10.97
C ALA A 329 11.43 -9.51 -11.24
N GLU A 330 10.86 -9.28 -12.42
CA GLU A 330 9.60 -9.94 -12.81
C GLU A 330 9.72 -11.45 -12.63
N ASP A 331 10.80 -12.01 -13.17
CA ASP A 331 11.06 -13.45 -13.12
C ASP A 331 11.38 -13.92 -11.71
N VAL A 332 12.18 -13.12 -10.98
CA VAL A 332 12.48 -13.39 -9.57
C VAL A 332 11.16 -13.50 -8.78
N VAL A 333 10.27 -12.53 -8.99
CA VAL A 333 8.99 -12.52 -8.29
C VAL A 333 8.09 -13.66 -8.76
N ALA A 334 8.02 -13.87 -10.09
CA ALA A 334 7.17 -14.90 -10.66
C ALA A 334 7.53 -16.30 -10.15
N ARG A 335 8.82 -16.60 -10.11
CA ARG A 335 9.30 -17.89 -9.60
C ARG A 335 8.90 -18.11 -8.14
N ALA A 336 9.15 -17.12 -7.28
CA ALA A 336 8.80 -17.23 -5.86
C ALA A 336 7.29 -17.36 -5.65
N PHE A 337 6.54 -16.49 -6.32
CA PHE A 337 5.08 -16.45 -6.20
C PHE A 337 4.40 -17.68 -6.77
N SER A 338 4.85 -18.12 -7.96
CA SER A 338 4.34 -19.36 -8.57
C SER A 338 4.54 -20.59 -7.69
N ALA A 339 5.70 -20.67 -7.05
CA ALA A 339 6.01 -21.76 -6.14
C ALA A 339 5.06 -21.80 -4.96
N ILE A 340 4.78 -20.62 -4.40
CA ILE A 340 3.79 -20.47 -3.34
C ILE A 340 2.37 -20.75 -3.86
N ALA A 341 2.07 -20.26 -5.06
CA ALA A 341 0.76 -20.42 -5.70
C ALA A 341 0.45 -21.88 -6.08
N ASN A 342 1.36 -22.50 -6.84
CA ASN A 342 1.16 -23.86 -7.35
C ASN A 342 1.30 -24.97 -6.29
N ARG A 343 1.54 -24.59 -5.03
CA ARG A 343 1.72 -25.54 -3.93
C ARG A 343 0.46 -26.36 -3.68
#